data_1CLC
#
_entry.id   1CLC
#
_cell.length_a   98.900
_cell.length_b   98.900
_cell.length_c   191.400
_cell.angle_alpha   90.00
_cell.angle_beta   90.00
_cell.angle_gamma   120.00
#
_symmetry.space_group_name_H-M   'P 31 2 1'
#
loop_
_entity.id
_entity.type
_entity.pdbx_description
1 polymer 'ENDOGLUCANASE CELD; EC: 3.2.1.4'
2 non-polymer 'CALCIUM ION'
3 non-polymer 'ZINC ION'
4 water water
#
_entity_poly.entity_id   1
_entity_poly.type   'polypeptide(L)'
_entity_poly.pdbx_seq_one_letter_code
;TMITNSRGSVDLQPSLTGVFPSGLIETKVSAAKITENYQFDSRIRLNSIGFIPNHSKKATIAANCSTFYVVKEDGTIVYT
GTATSMFDNDTKETVYIADFSSVNEEGTYYLAVPGVGKSVNFKIAMNVYEDAFKTAMLGMYLLRCGTSVSATYNGIHYSH
GPCHTNDAYLDYINGQHTKKDSTKGWHDAGDYNKYVVNAGITVGSMFLAWEHFKDQLEPVALEIPEKNNSIPDFLDELKY
EIDWILTMQYPDGSGRVAHKVSTRNFGGFIMPENEHDERFFVPWSSAATADFVAMTAMAARIFRPYDPQYAEKCINAAKV
SYEFLKNNPANVFANQSGFSTGEYATVSDADDRLWAAAEMWETLGDEEYLRDFENRAAQFSKKIEADFDWDNVANLGMFT
YLLSERPGKNPALVQSIKDSLLSTADSIVRTSQNHGYGRTLGTTYYWGCNGTVVRQTMILQVANKISPNNDYVNAALDAI
SHVFGRNYYNRSYVTGLGINPPMNPHDRRSGADGIWEPWPGYLVGGGWPGPKDWVDIQDSYQTNEIAINWNAALIYALAG
FVNYNSPQNEVLYGDVNDDGKVNSTDLTLLKRYVLKAVSTLPSSKAEKNADVNRDGRVNSSDVTILSRYLIRVIEKLPI
;
_entity_poly.pdbx_strand_id   A
#
# COMPACT_ATOMS: atom_id res chain seq x y z
N ILE A 25 -32.98 -8.91 -39.90
CA ILE A 25 -32.13 -8.44 -41.04
C ILE A 25 -30.90 -7.60 -40.60
N GLU A 26 -29.72 -8.16 -40.88
CA GLU A 26 -28.46 -7.54 -40.56
C GLU A 26 -28.01 -6.62 -41.69
N THR A 27 -27.59 -5.40 -41.36
CA THR A 27 -27.13 -4.44 -42.35
C THR A 27 -25.62 -4.53 -42.49
N LYS A 28 -25.04 -3.71 -43.34
CA LYS A 28 -23.61 -3.75 -43.54
C LYS A 28 -22.81 -3.20 -42.35
N VAL A 29 -23.52 -2.62 -41.39
CA VAL A 29 -22.85 -2.06 -40.22
C VAL A 29 -23.17 -2.80 -38.92
N SER A 30 -23.98 -3.84 -39.02
CA SER A 30 -24.31 -4.66 -37.87
C SER A 30 -23.02 -5.40 -37.47
N ALA A 31 -22.75 -5.47 -36.18
CA ALA A 31 -21.55 -6.15 -35.72
C ALA A 31 -21.89 -7.56 -35.31
N ALA A 32 -20.90 -8.44 -35.35
CA ALA A 32 -21.05 -9.84 -34.98
C ALA A 32 -21.49 -9.97 -33.53
N LYS A 33 -22.37 -10.92 -33.24
CA LYS A 33 -22.86 -11.17 -31.88
C LYS A 33 -22.67 -12.59 -31.41
N ILE A 34 -22.35 -12.76 -30.13
CA ILE A 34 -22.13 -14.06 -29.53
C ILE A 34 -23.40 -14.89 -29.73
N THR A 35 -23.20 -16.13 -30.15
CA THR A 35 -24.30 -17.04 -30.41
C THR A 35 -24.80 -17.73 -29.17
N GLU A 36 -23.92 -18.49 -28.53
CA GLU A 36 -24.28 -19.25 -27.33
C GLU A 36 -24.33 -18.42 -26.04
N ASN A 37 -25.01 -18.98 -25.05
CA ASN A 37 -25.15 -18.36 -23.75
C ASN A 37 -24.12 -18.99 -22.81
N TYR A 38 -23.21 -18.17 -22.29
CA TYR A 38 -22.15 -18.65 -21.40
C TYR A 38 -22.43 -18.50 -19.91
N GLN A 39 -21.90 -19.44 -19.14
CA GLN A 39 -22.05 -19.42 -17.68
C GLN A 39 -20.69 -19.07 -17.03
N PHE A 40 -20.72 -18.36 -15.91
CA PHE A 40 -19.50 -18.00 -15.24
C PHE A 40 -18.72 -19.23 -14.83
N ASP A 41 -17.42 -19.21 -15.06
CA ASP A 41 -16.57 -20.33 -14.66
C ASP A 41 -15.36 -19.75 -13.94
N SER A 42 -15.09 -20.29 -12.75
CA SER A 42 -13.98 -19.86 -11.91
C SER A 42 -12.60 -20.10 -12.50
N ARG A 43 -12.50 -20.89 -13.56
CA ARG A 43 -11.19 -21.15 -14.15
C ARG A 43 -10.66 -20.03 -15.02
N ILE A 44 -11.51 -19.02 -15.26
CA ILE A 44 -11.11 -17.87 -16.08
C ILE A 44 -10.83 -16.76 -15.07
N ARG A 45 -9.55 -16.48 -14.89
CA ARG A 45 -9.08 -15.51 -13.90
C ARG A 45 -8.45 -14.24 -14.45
N LEU A 46 -9.05 -13.10 -14.10
CA LEU A 46 -8.57 -11.81 -14.57
C LEU A 46 -8.92 -10.70 -13.59
N ASN A 47 -8.39 -9.51 -13.85
CA ASN A 47 -8.65 -8.33 -13.02
C ASN A 47 -10.16 -8.08 -13.04
N SER A 48 -10.83 -8.28 -11.91
CA SER A 48 -12.27 -8.12 -11.80
C SER A 48 -12.78 -6.69 -11.78
N ILE A 49 -11.87 -5.73 -11.74
CA ILE A 49 -12.26 -4.33 -11.75
C ILE A 49 -12.20 -3.93 -13.22
N GLY A 50 -11.03 -4.04 -13.83
CA GLY A 50 -10.95 -3.70 -15.22
C GLY A 50 -9.59 -3.37 -15.73
N PHE A 51 -9.58 -2.77 -16.91
CA PHE A 51 -8.34 -2.42 -17.60
C PHE A 51 -8.37 -0.99 -18.12
N ILE A 52 -7.19 -0.48 -18.42
CA ILE A 52 -7.03 0.87 -18.91
C ILE A 52 -6.71 0.80 -20.39
N PRO A 53 -7.36 1.65 -21.21
CA PRO A 53 -7.04 1.59 -22.65
C PRO A 53 -5.55 1.87 -22.88
N ASN A 54 -4.98 1.12 -23.80
CA ASN A 54 -3.58 1.27 -24.21
C ASN A 54 -2.57 0.56 -23.32
N HIS A 55 -3.05 -0.32 -22.45
CA HIS A 55 -2.19 -1.10 -21.57
C HIS A 55 -2.55 -2.56 -21.69
N SER A 56 -1.69 -3.44 -21.21
CA SER A 56 -1.95 -4.88 -21.30
C SER A 56 -3.24 -5.29 -20.62
N LYS A 57 -3.82 -6.36 -21.16
CA LYS A 57 -5.04 -6.93 -20.66
C LYS A 57 -4.87 -8.42 -20.90
N LYS A 58 -4.78 -9.18 -19.81
CA LYS A 58 -4.60 -10.63 -19.89
C LYS A 58 -5.49 -11.35 -18.93
N ALA A 59 -5.74 -12.61 -19.22
CA ALA A 59 -6.55 -13.45 -18.35
C ALA A 59 -5.81 -14.77 -18.28
N THR A 60 -5.96 -15.48 -17.18
CA THR A 60 -5.32 -16.76 -17.05
C THR A 60 -6.46 -17.73 -16.98
N ILE A 61 -6.45 -18.72 -17.87
CA ILE A 61 -7.49 -19.74 -17.92
C ILE A 61 -6.93 -21.08 -17.46
N ALA A 62 -7.44 -21.58 -16.33
CA ALA A 62 -7.00 -22.83 -15.75
C ALA A 62 -7.82 -24.01 -16.29
N ALA A 63 -7.79 -24.15 -17.62
CA ALA A 63 -8.51 -25.21 -18.32
C ALA A 63 -7.97 -25.26 -19.73
N ASN A 64 -8.07 -26.42 -20.37
CA ASN A 64 -7.59 -26.51 -21.75
C ASN A 64 -8.59 -25.74 -22.60
N CYS A 65 -8.06 -24.97 -23.55
CA CYS A 65 -8.91 -24.16 -24.40
C CYS A 65 -8.02 -23.57 -25.45
N SER A 66 -8.60 -22.76 -26.32
CA SER A 66 -7.83 -22.11 -27.38
C SER A 66 -8.50 -20.82 -27.81
N THR A 67 -9.68 -20.93 -28.36
CA THR A 67 -10.37 -19.75 -28.83
C THR A 67 -11.03 -19.02 -27.68
N PHE A 68 -10.99 -17.71 -27.71
CA PHE A 68 -11.67 -16.92 -26.68
C PHE A 68 -12.19 -15.66 -27.36
N TYR A 69 -13.30 -15.15 -26.87
CA TYR A 69 -13.87 -13.91 -27.40
C TYR A 69 -13.98 -12.88 -26.29
N VAL A 70 -13.75 -11.62 -26.64
CA VAL A 70 -13.94 -10.52 -25.72
C VAL A 70 -15.31 -10.04 -26.20
N VAL A 71 -16.32 -10.13 -25.33
CA VAL A 71 -17.68 -9.76 -25.69
C VAL A 71 -18.24 -8.58 -24.90
N LYS A 72 -18.85 -7.61 -25.59
CA LYS A 72 -19.47 -6.44 -24.92
C LYS A 72 -20.65 -7.02 -24.20
N GLU A 73 -21.16 -6.32 -23.20
CA GLU A 73 -22.26 -6.90 -22.47
C GLU A 73 -23.50 -7.12 -23.31
N ASP A 74 -23.63 -6.40 -24.43
CA ASP A 74 -24.78 -6.56 -25.32
C ASP A 74 -24.71 -7.80 -26.23
N GLY A 75 -23.61 -8.54 -26.16
CA GLY A 75 -23.46 -9.73 -26.98
C GLY A 75 -22.53 -9.53 -28.15
N THR A 76 -22.10 -8.31 -28.37
CA THR A 76 -21.22 -8.01 -29.48
C THR A 76 -19.81 -8.56 -29.36
N ILE A 77 -19.41 -9.41 -30.31
CA ILE A 77 -18.06 -9.95 -30.33
C ILE A 77 -17.12 -8.89 -30.87
N VAL A 78 -16.23 -8.44 -30.02
CA VAL A 78 -15.28 -7.39 -30.32
C VAL A 78 -13.88 -7.90 -30.68
N TYR A 79 -13.58 -9.12 -30.30
CA TYR A 79 -12.25 -9.65 -30.58
C TYR A 79 -12.26 -11.13 -30.40
N THR A 80 -11.56 -11.81 -31.29
CA THR A 80 -11.45 -13.24 -31.22
C THR A 80 -9.98 -13.54 -31.19
N GLY A 81 -9.59 -14.42 -30.26
CA GLY A 81 -8.20 -14.78 -30.13
C GLY A 81 -8.04 -16.21 -29.68
N THR A 82 -6.78 -16.61 -29.59
CA THR A 82 -6.44 -17.95 -29.13
C THR A 82 -5.47 -17.86 -27.95
N ALA A 83 -5.82 -18.56 -26.88
CA ALA A 83 -5.02 -18.60 -25.67
C ALA A 83 -3.76 -19.42 -25.93
N THR A 84 -2.65 -19.02 -25.32
CA THR A 84 -1.39 -19.74 -25.46
C THR A 84 -1.07 -20.42 -24.11
N SER A 85 -0.61 -21.66 -24.14
CA SER A 85 -0.31 -22.38 -22.89
C SER A 85 1.00 -21.91 -22.27
N MET A 86 1.12 -22.11 -20.97
CA MET A 86 2.33 -21.73 -20.25
C MET A 86 2.32 -22.50 -18.95
N PHE A 87 3.49 -22.95 -18.52
CA PHE A 87 3.56 -23.67 -17.25
C PHE A 87 3.78 -22.73 -16.07
N ASP A 88 2.81 -22.69 -15.16
CA ASP A 88 2.95 -21.87 -13.97
C ASP A 88 3.80 -22.64 -12.98
N ASN A 89 5.07 -22.26 -12.89
CA ASN A 89 6.01 -22.88 -11.97
C ASN A 89 5.58 -22.71 -10.53
N ASP A 90 4.86 -21.63 -10.28
CA ASP A 90 4.39 -21.32 -8.96
C ASP A 90 3.40 -22.37 -8.50
N THR A 91 2.27 -22.48 -9.18
CA THR A 91 1.25 -23.47 -8.80
C THR A 91 1.51 -24.82 -9.45
N LYS A 92 2.59 -24.90 -10.24
CA LYS A 92 2.96 -26.13 -10.93
C LYS A 92 1.85 -26.67 -11.83
N GLU A 93 1.21 -25.78 -12.56
CA GLU A 93 0.13 -26.15 -13.46
C GLU A 93 0.32 -25.51 -14.81
N THR A 94 -0.31 -26.11 -15.80
CA THR A 94 -0.28 -25.56 -17.15
C THR A 94 -1.54 -24.71 -17.22
N VAL A 95 -1.33 -23.44 -17.57
CA VAL A 95 -2.43 -22.51 -17.68
C VAL A 95 -2.39 -21.90 -19.08
N TYR A 96 -3.51 -21.31 -19.50
CA TYR A 96 -3.62 -20.68 -20.81
C TYR A 96 -3.78 -19.18 -20.65
N ILE A 97 -2.94 -18.44 -21.35
CA ILE A 97 -2.99 -17.01 -21.27
C ILE A 97 -3.73 -16.40 -22.45
N ALA A 98 -4.80 -15.68 -22.14
CA ALA A 98 -5.61 -14.96 -23.12
C ALA A 98 -5.16 -13.50 -23.13
N ASP A 99 -4.53 -13.05 -24.20
CA ASP A 99 -4.12 -11.67 -24.26
C ASP A 99 -5.10 -10.90 -25.17
N PHE A 100 -5.76 -9.88 -24.63
CA PHE A 100 -6.68 -9.08 -25.40
C PHE A 100 -6.37 -7.62 -25.22
N SER A 101 -5.08 -7.30 -25.20
CA SER A 101 -4.62 -5.94 -25.01
C SER A 101 -5.02 -4.99 -26.13
N SER A 102 -5.25 -5.55 -27.31
CA SER A 102 -5.61 -4.75 -28.49
C SER A 102 -6.99 -4.13 -28.36
N VAL A 103 -7.87 -4.71 -27.55
CA VAL A 103 -9.20 -4.15 -27.35
C VAL A 103 -9.02 -2.91 -26.51
N ASN A 104 -9.33 -1.75 -27.07
CA ASN A 104 -9.15 -0.48 -26.37
C ASN A 104 -10.35 0.45 -26.25
N GLU A 105 -11.49 0.00 -26.76
CA GLU A 105 -12.71 0.77 -26.74
C GLU A 105 -13.37 0.65 -25.36
N GLU A 106 -13.69 1.79 -24.74
CA GLU A 106 -14.32 1.80 -23.44
C GLU A 106 -15.66 1.11 -23.40
N GLY A 107 -15.90 0.38 -22.33
CA GLY A 107 -17.14 -0.32 -22.18
C GLY A 107 -17.00 -1.41 -21.14
N THR A 108 -18.06 -2.18 -21.00
CA THR A 108 -18.14 -3.29 -20.08
C THR A 108 -18.10 -4.54 -20.95
N TYR A 109 -17.18 -5.43 -20.65
CA TYR A 109 -17.02 -6.66 -21.42
C TYR A 109 -16.90 -7.86 -20.51
N TYR A 110 -16.83 -9.04 -21.12
CA TYR A 110 -16.59 -10.30 -20.44
C TYR A 110 -15.84 -11.16 -21.41
N LEU A 111 -15.16 -12.17 -20.88
CA LEU A 111 -14.37 -13.06 -21.69
C LEU A 111 -15.19 -14.32 -21.85
N ALA A 112 -15.37 -14.78 -23.09
CA ALA A 112 -16.13 -16.01 -23.37
C ALA A 112 -15.14 -17.03 -23.92
N VAL A 113 -15.08 -18.17 -23.27
CA VAL A 113 -14.13 -19.21 -23.65
C VAL A 113 -14.88 -20.50 -23.93
N PRO A 114 -15.11 -20.81 -25.22
CA PRO A 114 -15.81 -22.00 -25.67
C PRO A 114 -15.28 -23.22 -24.94
N GLY A 115 -16.18 -23.95 -24.29
CA GLY A 115 -15.76 -25.14 -23.56
C GLY A 115 -15.46 -24.93 -22.09
N VAL A 116 -15.23 -23.69 -21.66
CA VAL A 116 -14.95 -23.40 -20.25
C VAL A 116 -16.11 -22.60 -19.65
N GLY A 117 -16.39 -21.45 -20.24
CA GLY A 117 -17.47 -20.63 -19.74
C GLY A 117 -17.06 -19.20 -19.93
N LYS A 118 -17.54 -18.32 -19.06
CA LYS A 118 -17.17 -16.91 -19.18
C LYS A 118 -16.62 -16.34 -17.87
N SER A 119 -15.99 -15.17 -17.99
CA SER A 119 -15.41 -14.47 -16.86
C SER A 119 -16.47 -13.53 -16.31
N VAL A 120 -16.13 -12.82 -15.24
CA VAL A 120 -17.04 -11.83 -14.67
C VAL A 120 -16.98 -10.66 -15.64
N ASN A 121 -17.92 -9.74 -15.53
CA ASN A 121 -17.90 -8.54 -16.37
C ASN A 121 -16.82 -7.65 -15.78
N PHE A 122 -16.14 -6.91 -16.64
CA PHE A 122 -15.11 -5.99 -16.21
C PHE A 122 -15.23 -4.78 -17.12
N LYS A 123 -14.60 -3.67 -16.76
CA LYS A 123 -14.67 -2.48 -17.59
C LYS A 123 -13.35 -2.17 -18.20
N ILE A 124 -13.39 -1.44 -19.31
CA ILE A 124 -12.18 -0.91 -19.96
C ILE A 124 -12.49 0.58 -19.96
N ALA A 125 -11.72 1.36 -19.21
CA ALA A 125 -11.97 2.78 -19.09
C ALA A 125 -10.74 3.41 -18.54
N MET A 126 -10.52 4.67 -18.88
CA MET A 126 -9.34 5.37 -18.40
C MET A 126 -9.36 5.61 -16.91
N ASN A 127 -10.55 5.65 -16.34
CA ASN A 127 -10.69 5.93 -14.92
C ASN A 127 -11.20 4.72 -14.17
N VAL A 128 -10.91 3.54 -14.68
CA VAL A 128 -11.39 2.31 -14.08
C VAL A 128 -11.00 2.10 -12.60
N TYR A 129 -9.85 2.65 -12.19
CA TYR A 129 -9.38 2.46 -10.81
C TYR A 129 -9.73 3.54 -9.81
N GLU A 130 -10.48 4.55 -10.21
CA GLU A 130 -10.79 5.60 -9.29
C GLU A 130 -11.66 5.22 -8.12
N ASP A 131 -12.66 4.39 -8.33
CA ASP A 131 -13.49 3.98 -7.21
C ASP A 131 -12.68 3.10 -6.28
N ALA A 132 -11.81 2.25 -6.83
CA ALA A 132 -10.99 1.39 -6.01
C ALA A 132 -10.05 2.22 -5.14
N PHE A 133 -9.48 3.29 -5.70
CA PHE A 133 -8.59 4.18 -4.96
C PHE A 133 -9.35 4.87 -3.84
N LYS A 134 -10.54 5.38 -4.14
CA LYS A 134 -11.34 6.05 -3.11
C LYS A 134 -11.76 5.11 -1.98
N THR A 135 -11.96 3.84 -2.33
CA THR A 135 -12.37 2.84 -1.35
C THR A 135 -11.17 2.44 -0.47
N ALA A 136 -9.97 2.35 -1.05
CA ALA A 136 -8.77 2.01 -0.28
C ALA A 136 -8.48 3.17 0.69
N MET A 137 -8.78 4.40 0.27
CA MET A 137 -8.60 5.58 1.10
C MET A 137 -9.69 5.59 2.19
N LEU A 138 -10.88 5.11 1.85
CA LEU A 138 -11.96 5.03 2.82
C LEU A 138 -11.52 4.03 3.92
N GLY A 139 -10.75 3.02 3.52
CA GLY A 139 -10.23 2.03 4.43
C GLY A 139 -9.36 2.72 5.46
N MET A 140 -8.50 3.66 5.03
CA MET A 140 -7.64 4.37 5.97
C MET A 140 -8.45 5.23 6.93
N TYR A 141 -9.45 5.95 6.41
CA TYR A 141 -10.31 6.78 7.23
C TYR A 141 -10.99 5.96 8.33
N LEU A 142 -11.46 4.77 7.96
CA LEU A 142 -12.14 3.90 8.89
C LEU A 142 -11.21 3.30 9.92
N LEU A 143 -9.90 3.41 9.70
CA LEU A 143 -8.92 2.91 10.66
C LEU A 143 -8.55 4.02 11.67
N ARG A 144 -9.15 5.20 11.57
CA ARG A 144 -8.79 6.28 12.46
C ARG A 144 -9.05 5.94 13.91
N CYS A 145 -8.16 6.45 14.77
CA CYS A 145 -8.23 6.21 16.19
C CYS A 145 -8.46 7.52 16.89
N GLY A 146 -9.10 7.48 18.07
CA GLY A 146 -9.32 8.69 18.85
C GLY A 146 -10.50 9.51 18.39
N THR A 147 -11.26 8.98 17.45
CA THR A 147 -12.41 9.70 16.93
C THR A 147 -13.48 8.73 16.47
N SER A 148 -14.71 9.21 16.35
CA SER A 148 -15.75 8.36 15.85
C SER A 148 -15.63 8.40 14.31
N VAL A 149 -15.89 7.27 13.65
CA VAL A 149 -15.84 7.22 12.20
C VAL A 149 -17.22 6.77 11.71
N SER A 150 -17.57 7.18 10.49
CA SER A 150 -18.85 6.83 9.90
C SER A 150 -18.78 6.89 8.38
N ALA A 151 -19.26 5.85 7.73
CA ALA A 151 -19.25 5.82 6.28
C ALA A 151 -20.30 4.86 5.80
N THR A 152 -20.88 5.13 4.63
CA THR A 152 -21.85 4.24 4.04
C THR A 152 -21.21 3.73 2.78
N TYR A 153 -21.06 2.42 2.67
CA TYR A 153 -20.42 1.83 1.52
C TYR A 153 -21.31 0.74 1.00
N ASN A 154 -21.68 0.81 -0.28
CA ASN A 154 -22.60 -0.17 -0.88
C ASN A 154 -23.87 -0.32 -0.05
N GLY A 155 -24.32 0.79 0.50
CA GLY A 155 -25.53 0.76 1.29
C GLY A 155 -25.37 0.31 2.71
N ILE A 156 -24.22 -0.26 3.08
CA ILE A 156 -24.08 -0.65 4.46
C ILE A 156 -23.38 0.44 5.26
N HIS A 157 -23.92 0.75 6.43
CA HIS A 157 -23.35 1.79 7.28
C HIS A 157 -22.32 1.27 8.27
N TYR A 158 -21.09 1.72 8.13
CA TYR A 158 -20.02 1.31 9.03
C TYR A 158 -19.69 2.49 9.91
N SER A 159 -19.59 2.23 11.21
CA SER A 159 -19.27 3.29 12.15
C SER A 159 -18.87 2.76 13.50
N HIS A 160 -18.25 3.62 14.30
CA HIS A 160 -17.88 3.28 15.66
C HIS A 160 -17.65 4.60 16.38
N GLY A 161 -17.86 4.59 17.68
CA GLY A 161 -17.70 5.79 18.48
C GLY A 161 -16.26 6.08 18.80
N PRO A 162 -15.98 7.23 19.45
CA PRO A 162 -14.65 7.68 19.83
C PRO A 162 -13.97 6.57 20.59
N CYS A 163 -12.73 6.26 20.22
CA CYS A 163 -12.01 5.20 20.86
C CYS A 163 -10.65 5.69 21.33
N HIS A 164 -10.07 4.98 22.29
CA HIS A 164 -8.75 5.30 22.85
C HIS A 164 -8.48 6.77 23.06
N THR A 165 -9.46 7.40 23.78
CA THR A 165 -9.33 8.83 24.00
C THR A 165 -8.42 9.16 25.17
N ASN A 166 -7.95 8.14 25.86
CA ASN A 166 -7.05 8.34 27.00
C ASN A 166 -5.60 7.90 26.77
N ASP A 167 -5.16 7.87 25.49
CA ASP A 167 -3.78 7.52 25.17
C ASP A 167 -3.00 8.76 25.65
N ALA A 168 -1.90 8.57 26.35
CA ALA A 168 -1.36 7.28 26.73
C ALA A 168 -0.55 7.64 27.99
N TYR A 169 -0.19 6.66 28.81
CA TYR A 169 0.55 6.88 30.08
C TYR A 169 2.07 6.81 29.98
N LEU A 170 2.69 7.62 30.85
CA LEU A 170 4.14 7.66 30.83
C LEU A 170 4.87 6.63 31.66
N ASP A 171 4.14 5.75 32.32
CA ASP A 171 4.75 4.73 33.18
C ASP A 171 6.06 4.11 32.71
N TYR A 172 6.09 3.57 31.50
CA TYR A 172 7.31 2.94 31.05
C TYR A 172 8.36 3.89 30.50
N ILE A 173 7.99 5.16 30.36
CA ILE A 173 8.90 6.17 29.83
C ILE A 173 9.73 6.81 30.93
N ASN A 174 9.04 7.40 31.90
CA ASN A 174 9.72 8.07 32.99
C ASN A 174 9.40 7.45 34.35
N GLY A 175 8.21 6.89 34.49
CA GLY A 175 7.83 6.27 35.75
C GLY A 175 6.51 6.80 36.26
N GLN A 176 6.25 8.07 36.00
CA GLN A 176 5.01 8.67 36.45
C GLN A 176 3.82 8.08 35.72
N HIS A 177 2.79 7.68 36.46
CA HIS A 177 1.60 7.15 35.83
C HIS A 177 0.76 8.36 35.46
N THR A 178 1.29 9.14 34.52
CA THR A 178 0.59 10.30 34.06
C THR A 178 0.34 10.18 32.56
N LYS A 179 -0.65 10.91 32.10
CA LYS A 179 -1.13 10.92 30.73
C LYS A 179 -0.58 12.05 29.87
N LYS A 180 -0.01 11.71 28.71
CA LYS A 180 0.46 12.69 27.74
C LYS A 180 -0.34 12.37 26.49
N ASP A 181 -1.07 13.36 25.97
CA ASP A 181 -1.90 13.13 24.81
C ASP A 181 -1.19 12.46 23.66
N SER A 182 -1.76 11.36 23.21
CA SER A 182 -1.20 10.62 22.09
C SER A 182 -2.36 10.01 21.32
N THR A 183 -3.42 10.78 21.19
CA THR A 183 -4.58 10.33 20.49
C THR A 183 -4.38 10.53 19.00
N LYS A 184 -5.39 10.14 18.22
CA LYS A 184 -5.36 10.24 16.77
C LYS A 184 -4.53 9.15 16.13
N GLY A 185 -4.28 9.27 14.83
CA GLY A 185 -3.52 8.26 14.12
C GLY A 185 -4.44 7.15 13.66
N TRP A 186 -3.85 6.11 13.08
CA TRP A 186 -4.62 4.99 12.60
C TRP A 186 -4.30 3.74 13.41
N HIS A 187 -5.32 2.90 13.62
CA HIS A 187 -5.11 1.61 14.25
C HIS A 187 -4.23 0.91 13.25
N ASP A 188 -3.27 0.13 13.71
CA ASP A 188 -2.33 -0.50 12.84
C ASP A 188 -2.77 -1.60 11.90
N ALA A 189 -3.59 -2.52 12.41
CA ALA A 189 -3.98 -3.66 11.62
C ALA A 189 -5.29 -4.23 12.15
N GLY A 190 -5.33 -5.55 12.40
CA GLY A 190 -6.52 -6.16 12.96
C GLY A 190 -6.65 -5.72 14.41
N ASP A 191 -5.53 -5.31 15.00
CA ASP A 191 -5.51 -4.79 16.37
C ASP A 191 -5.57 -3.27 16.37
N TYR A 192 -5.78 -2.67 17.54
CA TYR A 192 -5.90 -1.23 17.67
C TYR A 192 -4.69 -0.42 18.11
N ASN A 193 -3.55 -1.07 18.34
CA ASN A 193 -2.36 -0.38 18.79
C ASN A 193 -1.69 0.40 17.67
N LYS A 194 -0.94 1.44 18.02
CA LYS A 194 -0.29 2.31 17.04
C LYS A 194 1.20 2.17 17.16
N TYR A 195 1.86 1.75 16.09
CA TYR A 195 3.30 1.50 16.06
C TYR A 195 4.00 2.45 15.11
N VAL A 196 5.09 3.06 15.57
CA VAL A 196 5.83 4.02 14.76
C VAL A 196 6.61 3.44 13.60
N VAL A 197 7.32 2.34 13.79
CA VAL A 197 8.10 1.75 12.70
C VAL A 197 7.20 1.37 11.52
N ASN A 198 6.03 0.81 11.79
CA ASN A 198 5.13 0.47 10.71
C ASN A 198 4.50 1.71 10.07
N ALA A 199 4.32 2.77 10.84
CA ALA A 199 3.77 4.00 10.30
C ALA A 199 4.80 4.56 9.34
N GLY A 200 6.07 4.23 9.57
CA GLY A 200 7.14 4.71 8.69
C GLY A 200 6.95 4.39 7.22
N ILE A 201 6.94 3.11 6.85
CA ILE A 201 6.76 2.72 5.46
C ILE A 201 5.38 3.14 4.95
N THR A 202 4.38 3.18 5.82
CA THR A 202 3.02 3.56 5.45
C THR A 202 2.96 5.02 5.01
N VAL A 203 3.40 5.91 5.89
CA VAL A 203 3.40 7.33 5.64
C VAL A 203 4.36 7.65 4.52
N GLY A 204 5.50 6.99 4.50
CA GLY A 204 6.48 7.22 3.46
C GLY A 204 5.93 6.87 2.07
N SER A 205 5.21 5.75 1.97
CA SER A 205 4.61 5.28 0.72
C SER A 205 3.58 6.24 0.20
N MET A 206 2.71 6.65 1.10
CA MET A 206 1.66 7.58 0.75
C MET A 206 2.16 9.00 0.41
N PHE A 207 3.21 9.49 1.09
CA PHE A 207 3.76 10.80 0.78
C PHE A 207 4.48 10.72 -0.56
N LEU A 208 5.10 9.58 -0.86
CA LEU A 208 5.76 9.43 -2.15
C LEU A 208 4.72 9.39 -3.26
N ALA A 209 3.53 8.85 -2.99
CA ALA A 209 2.46 8.82 -3.98
C ALA A 209 2.04 10.25 -4.30
N TRP A 210 2.00 11.09 -3.27
CA TRP A 210 1.64 12.48 -3.44
C TRP A 210 2.71 13.20 -4.26
N GLU A 211 3.97 12.97 -3.94
CA GLU A 211 5.02 13.64 -4.68
C GLU A 211 5.12 13.17 -6.11
N HIS A 212 4.92 11.87 -6.34
CA HIS A 212 5.02 11.32 -7.68
C HIS A 212 3.84 11.60 -8.56
N PHE A 213 2.65 11.73 -8.00
CA PHE A 213 1.47 11.94 -8.82
C PHE A 213 0.64 13.09 -8.30
N LYS A 214 1.31 14.15 -7.82
CA LYS A 214 0.62 15.29 -7.24
C LYS A 214 -0.50 15.88 -8.06
N ASP A 215 -0.26 16.10 -9.34
CA ASP A 215 -1.27 16.67 -10.21
C ASP A 215 -2.50 15.78 -10.37
N GLN A 216 -2.32 14.47 -10.26
CA GLN A 216 -3.43 13.54 -10.39
C GLN A 216 -4.23 13.42 -9.09
N LEU A 217 -3.56 13.65 -7.98
CA LEU A 217 -4.18 13.47 -6.67
C LEU A 217 -4.75 14.68 -6.00
N GLU A 218 -4.19 15.85 -6.30
CA GLU A 218 -4.64 17.08 -5.69
C GLU A 218 -6.12 17.38 -5.81
N PRO A 219 -6.73 17.11 -6.98
CA PRO A 219 -8.16 17.40 -7.08
C PRO A 219 -9.10 16.30 -6.59
N VAL A 220 -8.56 15.21 -6.06
CA VAL A 220 -9.42 14.12 -5.61
C VAL A 220 -10.12 14.44 -4.30
N ALA A 221 -11.43 14.24 -4.29
CA ALA A 221 -12.24 14.48 -3.12
C ALA A 221 -12.59 13.12 -2.50
N LEU A 222 -12.43 13.02 -1.19
CA LEU A 222 -12.70 11.79 -0.47
C LEU A 222 -13.83 11.99 0.52
N GLU A 223 -14.37 10.88 1.00
CA GLU A 223 -15.42 10.92 1.99
C GLU A 223 -14.81 10.97 3.39
N ILE A 224 -14.33 12.15 3.77
CA ILE A 224 -13.74 12.37 5.07
C ILE A 224 -14.35 13.63 5.62
N PRO A 225 -14.22 13.87 6.93
CA PRO A 225 -14.76 15.04 7.63
C PRO A 225 -14.17 16.34 7.09
N GLU A 226 -12.93 16.25 6.63
CA GLU A 226 -12.17 17.39 6.13
C GLU A 226 -12.38 17.71 4.67
N LYS A 227 -13.47 17.20 4.09
CA LYS A 227 -13.72 17.44 2.68
C LYS A 227 -13.97 18.88 2.34
N ASN A 228 -14.30 19.69 3.34
CA ASN A 228 -14.60 21.07 3.06
C ASN A 228 -13.60 22.12 3.49
N ASN A 229 -12.36 21.73 3.74
CA ASN A 229 -11.35 22.70 4.12
C ASN A 229 -10.53 23.05 2.90
N SER A 230 -9.39 23.71 3.11
CA SER A 230 -8.52 24.14 2.03
C SER A 230 -7.36 23.20 1.75
N ILE A 231 -7.37 22.01 2.35
CA ILE A 231 -6.29 21.07 2.13
C ILE A 231 -6.76 19.92 1.25
N PRO A 232 -5.94 19.49 0.26
CA PRO A 232 -6.33 18.37 -0.61
C PRO A 232 -6.71 17.20 0.29
N ASP A 233 -7.84 16.56 0.02
CA ASP A 233 -8.29 15.46 0.87
C ASP A 233 -7.30 14.37 1.20
N PHE A 234 -6.48 13.99 0.24
CA PHE A 234 -5.47 12.96 0.45
C PHE A 234 -4.53 13.34 1.61
N LEU A 235 -4.16 14.62 1.68
CA LEU A 235 -3.28 15.13 2.73
C LEU A 235 -3.93 15.24 4.10
N ASP A 236 -5.25 15.46 4.15
CA ASP A 236 -5.95 15.51 5.42
C ASP A 236 -5.83 14.15 6.09
N GLU A 237 -6.00 13.09 5.31
CA GLU A 237 -5.91 11.75 5.86
C GLU A 237 -4.53 11.51 6.45
N LEU A 238 -3.49 11.93 5.74
CA LEU A 238 -2.11 11.77 6.22
C LEU A 238 -1.88 12.65 7.45
N LYS A 239 -2.54 13.81 7.50
CA LYS A 239 -2.38 14.69 8.64
C LYS A 239 -2.91 14.04 9.91
N TYR A 240 -3.95 13.21 9.79
CA TYR A 240 -4.47 12.55 10.95
C TYR A 240 -3.40 11.65 11.57
N GLU A 241 -2.58 11.02 10.75
CA GLU A 241 -1.51 10.17 11.24
C GLU A 241 -0.30 10.99 11.76
N ILE A 242 0.07 12.05 11.04
CA ILE A 242 1.20 12.86 11.47
C ILE A 242 0.88 13.54 12.79
N ASP A 243 -0.38 13.92 13.00
CA ASP A 243 -0.77 14.52 14.28
C ASP A 243 -0.41 13.59 15.42
N TRP A 244 -0.59 12.29 15.21
CA TRP A 244 -0.26 11.30 16.23
C TRP A 244 1.25 11.10 16.35
N ILE A 245 1.93 10.93 15.22
CA ILE A 245 3.38 10.73 15.22
C ILE A 245 4.11 11.85 15.98
N LEU A 246 3.60 13.07 15.92
CA LEU A 246 4.22 14.20 16.60
C LEU A 246 4.21 14.04 18.13
N THR A 247 3.19 13.39 18.67
CA THR A 247 3.07 13.19 20.11
C THR A 247 3.99 12.12 20.63
N MET A 248 4.71 11.43 19.74
CA MET A 248 5.57 10.34 20.16
C MET A 248 6.96 10.70 20.57
N GLN A 249 7.31 11.98 20.46
CA GLN A 249 8.64 12.45 20.86
C GLN A 249 8.66 12.48 22.39
N TYR A 250 9.74 11.98 22.99
CA TYR A 250 9.83 11.96 24.44
C TYR A 250 9.57 13.33 25.03
N PRO A 251 8.93 13.38 26.20
CA PRO A 251 8.62 14.64 26.86
C PRO A 251 9.85 15.35 27.49
N ASP A 252 10.99 14.68 27.51
CA ASP A 252 12.19 15.26 28.08
C ASP A 252 13.00 16.12 27.12
N GLY A 253 12.46 16.33 25.92
CA GLY A 253 13.14 17.14 24.93
C GLY A 253 14.40 16.50 24.38
N SER A 254 14.63 15.22 24.68
CA SER A 254 15.82 14.54 24.21
C SER A 254 15.77 14.21 22.71
N GLY A 255 14.59 14.20 22.13
CA GLY A 255 14.49 13.86 20.72
C GLY A 255 14.27 12.39 20.48
N ARG A 256 14.24 11.59 21.55
CA ARG A 256 13.99 10.16 21.41
C ARG A 256 12.51 9.98 21.15
N VAL A 257 12.18 8.96 20.36
CA VAL A 257 10.79 8.73 19.97
C VAL A 257 10.29 7.39 20.46
N ALA A 258 9.18 7.39 21.21
CA ALA A 258 8.57 6.17 21.74
C ALA A 258 8.29 5.21 20.56
N HIS A 259 8.47 3.91 20.77
CA HIS A 259 8.27 2.92 19.74
C HIS A 259 6.80 2.66 19.36
N LYS A 260 5.90 2.71 20.35
CA LYS A 260 4.48 2.45 20.08
C LYS A 260 3.62 2.82 21.26
N VAL A 261 2.31 2.89 21.03
CA VAL A 261 1.29 3.15 22.04
C VAL A 261 0.55 1.84 21.99
N SER A 262 0.45 1.17 23.12
CA SER A 262 -0.13 -0.17 23.15
C SER A 262 -0.72 -0.58 24.50
N THR A 263 -1.67 -1.51 24.46
CA THR A 263 -2.21 -2.05 25.69
C THR A 263 -1.12 -3.08 26.03
N ARG A 264 -1.11 -3.66 27.22
CA ARG A 264 -0.06 -4.63 27.51
C ARG A 264 -0.14 -5.90 26.65
N ASN A 265 -1.35 -6.37 26.37
CA ASN A 265 -1.52 -7.56 25.54
C ASN A 265 -2.57 -7.24 24.50
N PHE A 266 -2.68 -8.11 23.50
CA PHE A 266 -3.70 -7.94 22.46
C PHE A 266 -5.06 -8.13 23.10
N GLY A 267 -5.93 -7.13 22.97
CA GLY A 267 -7.27 -7.22 23.52
C GLY A 267 -8.10 -8.21 22.73
N GLY A 268 -9.38 -8.28 23.03
CA GLY A 268 -10.21 -9.23 22.30
C GLY A 268 -11.03 -8.64 21.18
N PHE A 269 -11.84 -9.49 20.56
CA PHE A 269 -12.65 -9.01 19.48
C PHE A 269 -13.81 -8.18 19.93
N ILE A 270 -13.52 -6.91 20.20
CA ILE A 270 -14.53 -5.96 20.62
C ILE A 270 -14.38 -4.72 19.77
N MET A 271 -15.39 -3.86 19.79
CA MET A 271 -15.34 -2.61 19.04
C MET A 271 -14.31 -1.74 19.77
N PRO A 272 -13.59 -0.86 19.03
CA PRO A 272 -12.56 -0.04 19.67
C PRO A 272 -13.00 0.88 20.82
N GLU A 273 -14.21 1.43 20.74
CA GLU A 273 -14.68 2.30 21.80
C GLU A 273 -14.97 1.53 23.09
N ASN A 274 -14.94 0.21 23.02
CA ASN A 274 -15.19 -0.60 24.17
C ASN A 274 -13.90 -1.07 24.78
N GLU A 275 -12.76 -0.71 24.19
CA GLU A 275 -11.49 -1.12 24.76
C GLU A 275 -11.10 -0.06 25.77
N HIS A 276 -11.22 -0.43 27.05
CA HIS A 276 -10.92 0.50 28.11
C HIS A 276 -9.59 0.35 28.79
N ASP A 277 -8.87 -0.71 28.48
CA ASP A 277 -7.55 -0.91 29.07
C ASP A 277 -6.70 0.33 28.87
N GLU A 278 -5.73 0.51 29.75
CA GLU A 278 -4.86 1.65 29.64
C GLU A 278 -3.85 1.37 28.55
N ARG A 279 -3.49 2.42 27.82
CA ARG A 279 -2.49 2.29 26.75
C ARG A 279 -1.28 3.10 27.18
N PHE A 280 -0.10 2.57 26.93
CA PHE A 280 1.16 3.18 27.32
C PHE A 280 2.08 3.52 26.18
N PHE A 281 2.98 4.47 26.41
CA PHE A 281 4.01 4.82 25.45
C PHE A 281 5.02 3.75 25.75
N VAL A 282 5.61 3.15 24.75
CA VAL A 282 6.59 2.11 24.98
C VAL A 282 7.94 2.75 24.69
N PRO A 283 8.98 2.43 25.50
CA PRO A 283 10.33 2.97 25.34
C PRO A 283 10.81 3.10 23.90
N TRP A 284 11.63 4.12 23.67
CA TRP A 284 12.15 4.42 22.35
C TRP A 284 13.01 3.37 21.69
N SER A 285 13.15 3.51 20.38
CA SER A 285 14.05 2.69 19.58
C SER A 285 14.69 3.68 18.63
N SER A 286 15.90 3.38 18.19
CA SER A 286 16.57 4.28 17.28
C SER A 286 15.87 4.27 15.92
N ALA A 287 15.37 3.11 15.49
CA ALA A 287 14.67 3.01 14.22
C ALA A 287 13.42 3.87 14.24
N ALA A 288 12.67 3.82 15.33
CA ALA A 288 11.47 4.63 15.42
C ALA A 288 11.79 6.11 15.40
N THR A 289 12.97 6.46 15.92
CA THR A 289 13.39 7.86 15.97
C THR A 289 13.79 8.34 14.57
N ALA A 290 14.48 7.49 13.82
CA ALA A 290 14.90 7.80 12.47
C ALA A 290 13.66 7.88 11.55
N ASP A 291 12.68 6.98 11.75
CA ASP A 291 11.46 6.99 10.94
C ASP A 291 10.66 8.23 11.22
N PHE A 292 10.65 8.66 12.48
CA PHE A 292 9.96 9.90 12.90
C PHE A 292 10.54 11.09 12.12
N VAL A 293 11.88 11.17 12.05
CA VAL A 293 12.58 12.25 11.36
C VAL A 293 12.18 12.25 9.89
N ALA A 294 12.29 11.10 9.24
CA ALA A 294 11.90 10.99 7.84
C ALA A 294 10.43 11.40 7.61
N MET A 295 9.51 10.92 8.45
CA MET A 295 8.11 11.28 8.30
C MET A 295 7.79 12.76 8.51
N THR A 296 8.38 13.38 9.54
CA THR A 296 8.10 14.79 9.82
C THR A 296 8.83 15.74 8.86
N ALA A 297 9.98 15.32 8.34
CA ALA A 297 10.71 16.14 7.36
C ALA A 297 9.91 16.15 6.06
N MET A 298 9.30 15.01 5.70
CA MET A 298 8.46 14.93 4.49
C MET A 298 7.22 15.77 4.69
N ALA A 299 6.59 15.64 5.85
CA ALA A 299 5.39 16.40 6.16
C ALA A 299 5.63 17.90 6.11
N ALA A 300 6.81 18.32 6.55
CA ALA A 300 7.15 19.73 6.55
C ALA A 300 7.12 20.31 5.15
N ARG A 301 7.80 19.67 4.20
CA ARG A 301 7.80 20.19 2.85
C ARG A 301 6.48 19.99 2.10
N ILE A 302 5.74 18.93 2.40
CA ILE A 302 4.49 18.66 1.72
C ILE A 302 3.32 19.52 2.21
N PHE A 303 3.29 19.83 3.50
CA PHE A 303 2.22 20.66 4.06
C PHE A 303 2.45 22.16 4.01
N ARG A 304 3.70 22.58 3.80
CA ARG A 304 4.02 23.99 3.79
C ARG A 304 3.11 24.84 2.95
N PRO A 305 2.83 24.42 1.71
CA PRO A 305 1.94 25.20 0.85
C PRO A 305 0.55 25.40 1.43
N TYR A 306 0.09 24.45 2.26
CA TYR A 306 -1.27 24.47 2.81
C TYR A 306 -1.43 24.91 4.24
N ASP A 307 -0.46 24.57 5.08
CA ASP A 307 -0.52 24.93 6.48
C ASP A 307 0.96 25.12 6.89
N PRO A 308 1.49 26.33 6.62
CA PRO A 308 2.88 26.70 6.92
C PRO A 308 3.23 26.54 8.38
N GLN A 309 2.28 26.88 9.25
CA GLN A 309 2.49 26.77 10.69
C GLN A 309 2.66 25.32 11.10
N TYR A 310 1.90 24.43 10.46
CA TYR A 310 1.99 23.01 10.78
C TYR A 310 3.31 22.49 10.29
N ALA A 311 3.73 22.99 9.13
CA ALA A 311 4.98 22.56 8.54
C ALA A 311 6.20 22.95 9.39
N GLU A 312 6.10 24.13 10.03
CA GLU A 312 7.16 24.66 10.88
C GLU A 312 7.31 23.77 12.11
N LYS A 313 6.17 23.39 12.67
CA LYS A 313 6.09 22.50 13.83
C LYS A 313 6.73 21.17 13.46
N CYS A 314 6.44 20.67 12.25
CA CYS A 314 7.03 19.41 11.83
C CYS A 314 8.53 19.46 11.63
N ILE A 315 9.03 20.48 10.94
CA ILE A 315 10.48 20.53 10.70
C ILE A 315 11.29 20.76 11.98
N ASN A 316 10.71 21.46 12.93
CA ASN A 316 11.41 21.69 14.19
C ASN A 316 11.53 20.40 14.99
N ALA A 317 10.48 19.59 14.98
CA ALA A 317 10.49 18.30 15.66
C ALA A 317 11.51 17.41 14.96
N ALA A 318 11.50 17.42 13.62
CA ALA A 318 12.45 16.60 12.88
C ALA A 318 13.87 16.96 13.26
N LYS A 319 14.16 18.26 13.38
CA LYS A 319 15.52 18.70 13.73
C LYS A 319 15.97 18.19 15.11
N VAL A 320 15.09 18.26 16.10
CA VAL A 320 15.44 17.78 17.42
C VAL A 320 15.83 16.31 17.40
N SER A 321 15.00 15.46 16.82
CA SER A 321 15.31 14.02 16.76
C SER A 321 16.52 13.70 15.89
N TYR A 322 16.74 14.48 14.84
CA TYR A 322 17.89 14.24 13.98
C TYR A 322 19.19 14.58 14.72
N GLU A 323 19.17 15.65 15.52
CA GLU A 323 20.35 16.03 16.29
C GLU A 323 20.69 14.88 17.25
N PHE A 324 19.66 14.32 17.88
CA PHE A 324 19.85 13.20 18.78
C PHE A 324 20.50 12.05 18.04
N LEU A 325 19.92 11.67 16.90
CA LEU A 325 20.46 10.58 16.11
C LEU A 325 21.89 10.82 15.71
N LYS A 326 22.21 12.07 15.36
CA LYS A 326 23.55 12.44 14.91
C LYS A 326 24.57 12.19 16.03
N ASN A 327 24.14 12.40 17.27
CA ASN A 327 25.01 12.22 18.41
C ASN A 327 25.02 10.83 19.01
N ASN A 328 24.04 10.01 18.66
CA ASN A 328 23.95 8.66 19.19
C ASN A 328 23.72 7.70 18.05
N PRO A 329 24.78 7.36 17.34
CA PRO A 329 24.82 6.46 16.19
C PRO A 329 24.45 5.03 16.38
N ALA A 330 24.28 4.59 17.62
CA ALA A 330 23.98 3.17 17.82
C ALA A 330 22.56 2.72 17.54
N ASN A 331 22.48 1.47 17.10
CA ASN A 331 21.23 0.83 16.83
C ASN A 331 20.74 0.40 18.21
N VAL A 332 19.55 0.87 18.58
CA VAL A 332 18.97 0.58 19.87
C VAL A 332 17.58 0.02 19.67
N PHE A 333 17.33 -1.16 20.24
CA PHE A 333 16.02 -1.81 20.17
C PHE A 333 15.21 -1.34 21.33
N ALA A 334 13.91 -1.17 21.12
CA ALA A 334 13.01 -0.74 22.16
C ALA A 334 12.88 -1.78 23.27
N ASN A 335 12.79 -1.31 24.51
CA ASN A 335 12.60 -2.21 25.65
C ASN A 335 11.12 -2.43 25.76
N GLN A 336 10.64 -3.55 25.24
CA GLN A 336 9.22 -3.81 25.32
C GLN A 336 8.86 -5.16 25.89
N SER A 337 9.64 -5.60 26.89
CA SER A 337 9.43 -6.88 27.58
C SER A 337 8.05 -7.01 28.21
N GLY A 338 7.60 -5.94 28.84
CA GLY A 338 6.30 -5.98 29.49
C GLY A 338 5.12 -6.02 28.53
N PHE A 339 5.38 -5.93 27.23
CA PHE A 339 4.31 -5.93 26.24
C PHE A 339 4.29 -7.16 25.39
N SER A 340 3.08 -7.56 24.98
CA SER A 340 2.90 -8.74 24.15
C SER A 340 2.16 -8.47 22.84
N THR A 341 2.19 -7.24 22.36
CA THR A 341 1.53 -6.89 21.10
C THR A 341 2.57 -6.87 19.98
N GLY A 342 2.32 -6.19 18.87
CA GLY A 342 3.30 -6.19 17.80
C GLY A 342 4.67 -5.63 18.19
N GLU A 343 5.73 -6.31 17.78
CA GLU A 343 7.09 -5.87 18.10
C GLU A 343 7.63 -4.83 17.10
N TYR A 344 7.50 -5.11 15.81
CA TYR A 344 8.01 -4.26 14.74
C TYR A 344 9.43 -3.87 15.06
N ALA A 345 10.21 -4.87 15.44
CA ALA A 345 11.58 -4.69 15.78
C ALA A 345 12.46 -4.85 14.57
N THR A 346 12.63 -3.78 13.81
CA THR A 346 13.46 -3.85 12.62
C THR A 346 14.88 -4.22 13.08
N VAL A 347 15.51 -5.15 12.39
CA VAL A 347 16.82 -5.61 12.82
C VAL A 347 17.89 -4.58 12.75
N SER A 348 17.71 -3.60 11.89
CA SER A 348 18.72 -2.56 11.78
C SER A 348 18.09 -1.22 11.57
N ASP A 349 18.82 -0.17 11.93
CA ASP A 349 18.29 1.17 11.75
C ASP A 349 19.13 1.92 10.70
N ALA A 350 20.04 1.21 10.06
CA ALA A 350 20.90 1.80 9.04
C ALA A 350 20.05 2.35 7.88
N ASP A 351 19.10 1.54 7.42
CA ASP A 351 18.23 1.95 6.33
C ASP A 351 17.34 3.11 6.76
N ASP A 352 16.85 3.06 8.01
CA ASP A 352 15.99 4.11 8.54
C ASP A 352 16.72 5.45 8.65
N ARG A 353 17.98 5.37 9.07
CA ARG A 353 18.82 6.56 9.22
C ARG A 353 19.13 7.14 7.84
N LEU A 354 19.34 6.28 6.86
CA LEU A 354 19.59 6.70 5.47
C LEU A 354 18.35 7.42 4.92
N TRP A 355 17.16 6.91 5.23
CA TRP A 355 15.93 7.51 4.77
C TRP A 355 15.78 8.87 5.42
N ALA A 356 16.04 8.94 6.73
CA ALA A 356 15.93 10.21 7.46
C ALA A 356 16.85 11.29 6.89
N ALA A 357 18.07 10.92 6.52
CA ALA A 357 19.01 11.87 5.97
C ALA A 357 18.52 12.40 4.61
N ALA A 358 17.97 11.52 3.77
CA ALA A 358 17.48 11.92 2.46
C ALA A 358 16.32 12.88 2.58
N GLU A 359 15.42 12.64 3.51
CA GLU A 359 14.27 13.52 3.69
C GLU A 359 14.67 14.86 4.27
N MET A 360 15.63 14.89 5.19
CA MET A 360 16.08 16.17 5.77
C MET A 360 16.73 17.01 4.67
N TRP A 361 17.52 16.36 3.82
CA TRP A 361 18.18 17.02 2.73
C TRP A 361 17.16 17.56 1.71
N GLU A 362 16.23 16.72 1.28
CA GLU A 362 15.27 17.17 0.31
C GLU A 362 14.44 18.36 0.78
N THR A 363 14.06 18.35 2.05
CA THR A 363 13.26 19.41 2.63
C THR A 363 14.06 20.67 2.91
N LEU A 364 15.22 20.49 3.55
CA LEU A 364 16.06 21.61 3.95
C LEU A 364 17.17 22.03 2.99
N GLY A 365 17.85 21.08 2.36
CA GLY A 365 18.89 21.46 1.43
C GLY A 365 20.32 21.49 1.96
N ASP A 366 20.49 21.54 3.28
CA ASP A 366 21.84 21.60 3.88
C ASP A 366 22.79 20.54 3.41
N GLU A 367 24.04 20.94 3.21
CA GLU A 367 25.07 20.02 2.75
C GLU A 367 25.32 18.93 3.79
N GLU A 368 25.07 19.27 5.05
CA GLU A 368 25.24 18.34 6.16
C GLU A 368 24.40 17.09 5.97
N TYR A 369 23.14 17.30 5.59
CA TYR A 369 22.23 16.19 5.37
C TYR A 369 22.59 15.39 4.13
N LEU A 370 23.03 16.09 3.08
CA LEU A 370 23.40 15.43 1.83
C LEU A 370 24.59 14.54 2.05
N ARG A 371 25.55 15.04 2.84
CA ARG A 371 26.77 14.30 3.14
C ARG A 371 26.46 13.06 3.95
N ASP A 372 25.54 13.20 4.90
CA ASP A 372 25.13 12.08 5.72
C ASP A 372 24.47 11.01 4.83
N PHE A 373 23.57 11.44 3.94
CA PHE A 373 22.92 10.48 3.04
C PHE A 373 23.92 9.75 2.17
N GLU A 374 24.74 10.50 1.45
CA GLU A 374 25.71 9.88 0.56
C GLU A 374 26.71 8.98 1.24
N ASN A 375 27.14 9.32 2.45
CA ASN A 375 28.09 8.46 3.18
C ASN A 375 27.41 7.13 3.50
N ARG A 376 26.15 7.17 3.89
CA ARG A 376 25.43 5.95 4.21
C ARG A 376 25.06 5.16 2.95
N ALA A 377 24.67 5.87 1.89
CA ALA A 377 24.25 5.24 0.64
C ALA A 377 25.35 4.38 0.06
N ALA A 378 26.58 4.86 0.15
CA ALA A 378 27.73 4.15 -0.39
C ALA A 378 27.94 2.82 0.32
N GLN A 379 27.52 2.75 1.57
CA GLN A 379 27.68 1.53 2.34
C GLN A 379 26.71 0.43 1.93
N PHE A 380 25.72 0.77 1.10
CA PHE A 380 24.75 -0.24 0.64
C PHE A 380 25.26 -0.93 -0.62
N SER A 381 25.44 -2.24 -0.51
CA SER A 381 25.94 -3.05 -1.62
C SER A 381 24.98 -2.97 -2.81
N LYS A 382 23.73 -3.35 -2.59
CA LYS A 382 22.71 -3.27 -3.63
C LYS A 382 21.87 -2.05 -3.25
N LYS A 383 21.90 -1.03 -4.11
CA LYS A 383 21.17 0.19 -3.83
C LYS A 383 19.66 0.05 -3.78
N ILE A 384 19.09 -0.78 -4.64
CA ILE A 384 17.65 -0.96 -4.68
C ILE A 384 17.29 -2.43 -4.51
N GLU A 385 16.33 -2.69 -3.63
CA GLU A 385 15.84 -4.03 -3.31
C GLU A 385 14.46 -4.22 -3.90
N ALA A 386 14.22 -5.37 -4.54
CA ALA A 386 12.92 -5.64 -5.16
C ALA A 386 11.85 -5.98 -4.15
N ASP A 387 12.27 -6.50 -3.01
CA ASP A 387 11.37 -6.94 -1.95
C ASP A 387 11.65 -6.10 -0.72
N PHE A 388 10.74 -5.21 -0.36
CA PHE A 388 10.99 -4.36 0.76
C PHE A 388 9.71 -4.09 1.48
N ASP A 389 9.80 -3.76 2.76
CA ASP A 389 8.61 -3.56 3.59
C ASP A 389 9.09 -2.73 4.80
N TRP A 390 8.33 -2.73 5.88
CA TRP A 390 8.67 -1.92 7.05
C TRP A 390 10.07 -2.04 7.63
N ASP A 391 10.66 -3.21 7.49
CA ASP A 391 11.98 -3.50 8.00
C ASP A 391 13.12 -2.92 7.19
N ASN A 392 12.91 -2.74 5.89
CA ASN A 392 13.94 -2.17 5.03
C ASN A 392 13.38 -1.04 4.20
N VAL A 393 13.52 0.17 4.70
CA VAL A 393 13.00 1.36 4.03
C VAL A 393 14.06 2.15 3.22
N ALA A 394 15.23 1.56 2.98
CA ALA A 394 16.28 2.26 2.25
C ALA A 394 15.80 2.76 0.89
N ASN A 395 14.99 1.96 0.20
CA ASN A 395 14.46 2.34 -1.11
C ASN A 395 13.81 3.71 -1.06
N LEU A 396 13.04 3.99 -0.01
CA LEU A 396 12.37 5.29 0.08
C LEU A 396 13.37 6.42 0.05
N GLY A 397 14.50 6.21 0.73
CA GLY A 397 15.55 7.21 0.77
C GLY A 397 16.20 7.34 -0.60
N MET A 398 16.43 6.22 -1.27
CA MET A 398 17.03 6.23 -2.60
C MET A 398 16.11 6.95 -3.59
N PHE A 399 14.81 6.72 -3.48
CA PHE A 399 13.83 7.34 -4.37
C PHE A 399 13.82 8.84 -4.23
N THR A 400 13.81 9.36 -3.00
CA THR A 400 13.78 10.82 -2.77
C THR A 400 15.04 11.50 -3.29
N TYR A 401 16.18 10.87 -3.05
CA TYR A 401 17.47 11.36 -3.49
C TYR A 401 17.55 11.35 -5.02
N LEU A 402 17.22 10.21 -5.61
CA LEU A 402 17.28 10.08 -7.05
C LEU A 402 16.43 11.09 -7.79
N LEU A 403 15.20 11.33 -7.35
CA LEU A 403 14.32 12.28 -8.06
C LEU A 403 14.44 13.74 -7.61
N SER A 404 15.26 14.01 -6.62
CA SER A 404 15.38 15.37 -6.16
C SER A 404 15.93 16.22 -7.29
N GLU A 405 15.45 17.45 -7.37
CA GLU A 405 15.90 18.38 -8.38
C GLU A 405 16.99 19.30 -7.78
N ARG A 406 17.40 19.02 -6.54
CA ARG A 406 18.44 19.80 -5.89
C ARG A 406 19.78 19.47 -6.49
N PRO A 407 20.67 20.47 -6.51
CA PRO A 407 22.01 20.27 -7.06
C PRO A 407 22.93 19.73 -6.02
N GLY A 408 24.09 19.25 -6.45
CA GLY A 408 25.06 18.77 -5.50
C GLY A 408 25.27 17.28 -5.36
N LYS A 409 24.38 16.48 -5.92
CA LYS A 409 24.54 15.04 -5.80
C LYS A 409 25.81 14.53 -6.46
N ASN A 410 26.45 13.55 -5.84
CA ASN A 410 27.64 12.94 -6.39
C ASN A 410 27.12 12.16 -7.58
N PRO A 411 27.57 12.52 -8.80
CA PRO A 411 27.15 11.88 -10.05
C PRO A 411 27.43 10.39 -10.13
N ALA A 412 28.48 9.93 -9.45
CA ALA A 412 28.80 8.50 -9.45
C ALA A 412 27.81 7.71 -8.63
N LEU A 413 27.39 8.28 -7.50
CA LEU A 413 26.41 7.63 -6.63
C LEU A 413 25.05 7.60 -7.36
N VAL A 414 24.72 8.68 -8.05
CA VAL A 414 23.47 8.76 -8.80
C VAL A 414 23.44 7.68 -9.86
N GLN A 415 24.52 7.55 -10.62
CA GLN A 415 24.57 6.52 -11.66
C GLN A 415 24.43 5.12 -11.07
N SER A 416 25.00 4.93 -9.88
CA SER A 416 24.96 3.64 -9.21
C SER A 416 23.54 3.25 -8.79
N ILE A 417 22.82 4.20 -8.22
CA ILE A 417 21.46 3.99 -7.79
C ILE A 417 20.55 3.77 -9.00
N LYS A 418 20.78 4.56 -10.03
CA LYS A 418 20.03 4.51 -11.28
C LYS A 418 20.19 3.14 -11.94
N ASP A 419 21.42 2.67 -12.03
CA ASP A 419 21.63 1.36 -12.63
C ASP A 419 20.93 0.28 -11.82
N SER A 420 21.05 0.37 -10.51
CA SER A 420 20.42 -0.62 -9.64
C SER A 420 18.90 -0.60 -9.81
N LEU A 421 18.32 0.59 -9.89
CA LEU A 421 16.88 0.75 -10.05
C LEU A 421 16.39 0.12 -11.33
N LEU A 422 17.01 0.48 -12.46
CA LEU A 422 16.57 -0.06 -13.76
C LEU A 422 16.78 -1.54 -13.86
N SER A 423 17.86 -2.02 -13.26
CA SER A 423 18.17 -3.43 -13.25
C SER A 423 17.09 -4.17 -12.47
N THR A 424 16.70 -3.60 -11.34
CA THR A 424 15.67 -4.18 -10.49
C THR A 424 14.30 -4.11 -11.16
N ALA A 425 14.00 -2.98 -11.77
CA ALA A 425 12.72 -2.86 -12.45
C ALA A 425 12.62 -3.89 -13.58
N ASP A 426 13.73 -4.10 -14.28
CA ASP A 426 13.77 -5.07 -15.37
C ASP A 426 13.49 -6.47 -14.86
N SER A 427 14.07 -6.79 -13.70
CA SER A 427 13.88 -8.11 -13.12
C SER A 427 12.41 -8.33 -12.79
N ILE A 428 11.74 -7.34 -12.23
CA ILE A 428 10.33 -7.45 -11.91
C ILE A 428 9.49 -7.61 -13.18
N VAL A 429 9.88 -6.94 -14.26
CA VAL A 429 9.16 -7.06 -15.53
C VAL A 429 9.29 -8.50 -15.99
N ARG A 430 10.52 -9.00 -16.05
CA ARG A 430 10.73 -10.37 -16.48
C ARG A 430 9.99 -11.37 -15.57
N THR A 431 9.93 -11.10 -14.28
CA THR A 431 9.24 -12.02 -13.39
C THR A 431 7.74 -12.10 -13.65
N SER A 432 7.10 -10.94 -13.82
CA SER A 432 5.67 -10.91 -14.06
C SER A 432 5.30 -11.47 -15.44
N GLN A 433 6.15 -11.24 -16.43
CA GLN A 433 5.90 -11.74 -17.77
C GLN A 433 6.04 -13.24 -17.85
N ASN A 434 6.83 -13.81 -16.95
CA ASN A 434 7.01 -15.25 -16.92
C ASN A 434 6.21 -15.97 -15.86
N HIS A 435 5.38 -15.23 -15.13
CA HIS A 435 4.56 -15.85 -14.11
C HIS A 435 3.19 -16.12 -14.73
N GLY A 436 2.62 -17.29 -14.46
CA GLY A 436 1.33 -17.66 -15.03
C GLY A 436 0.17 -16.76 -14.65
N TYR A 437 0.36 -15.88 -13.67
CA TYR A 437 -0.69 -14.96 -13.22
C TYR A 437 -0.18 -13.55 -13.13
N GLY A 438 0.96 -13.29 -13.75
CA GLY A 438 1.53 -11.95 -13.75
C GLY A 438 1.98 -11.40 -12.40
N ARG A 439 2.25 -12.29 -11.45
CA ARG A 439 2.70 -11.90 -10.11
C ARG A 439 4.13 -11.37 -10.18
N THR A 440 4.28 -10.09 -9.82
CA THR A 440 5.56 -9.40 -9.84
C THR A 440 6.55 -9.96 -8.82
N LEU A 441 6.02 -10.52 -7.73
CA LEU A 441 6.85 -11.08 -6.66
C LEU A 441 7.21 -12.55 -6.92
N GLY A 442 6.83 -13.03 -8.11
CA GLY A 442 7.13 -14.39 -8.50
C GLY A 442 6.61 -15.48 -7.60
N THR A 443 7.51 -16.35 -7.16
CA THR A 443 7.12 -17.46 -6.32
C THR A 443 7.33 -17.24 -4.82
N THR A 444 7.66 -16.01 -4.44
CA THR A 444 7.90 -15.64 -3.04
C THR A 444 6.64 -15.36 -2.25
N TYR A 445 6.42 -16.12 -1.18
CA TYR A 445 5.27 -15.90 -0.31
C TYR A 445 5.74 -15.82 1.13
N TYR A 446 5.18 -14.91 1.89
CA TYR A 446 5.54 -14.72 3.28
C TYR A 446 4.46 -13.88 3.87
N TRP A 447 4.46 -13.74 5.19
CA TRP A 447 3.46 -12.96 5.91
C TRP A 447 3.47 -11.50 5.37
N GLY A 448 2.31 -11.06 4.88
CA GLY A 448 2.20 -9.72 4.32
C GLY A 448 2.68 -9.56 2.90
N CYS A 449 2.92 -10.65 2.17
CA CYS A 449 3.40 -10.55 0.80
C CYS A 449 2.43 -9.93 -0.21
N ASN A 450 1.13 -9.87 0.05
CA ASN A 450 0.25 -9.20 -0.90
C ASN A 450 0.61 -7.72 -0.96
N GLY A 451 0.97 -7.18 0.20
CA GLY A 451 1.35 -5.79 0.29
C GLY A 451 2.58 -5.53 -0.54
N THR A 452 3.53 -6.45 -0.54
CA THR A 452 4.74 -6.25 -1.33
C THR A 452 4.50 -6.32 -2.84
N VAL A 453 3.56 -7.18 -3.28
CA VAL A 453 3.22 -7.31 -4.69
C VAL A 453 2.89 -5.93 -5.26
N VAL A 454 1.98 -5.21 -4.60
CA VAL A 454 1.63 -3.87 -5.03
C VAL A 454 2.64 -2.79 -4.64
N ARG A 455 3.46 -3.04 -3.63
CA ARG A 455 4.47 -2.07 -3.21
C ARG A 455 5.55 -2.02 -4.28
N GLN A 456 5.70 -3.11 -5.04
CA GLN A 456 6.69 -3.10 -6.08
C GLN A 456 6.39 -2.08 -7.20
N THR A 457 5.16 -1.57 -7.25
CA THR A 457 4.82 -0.58 -8.24
C THR A 457 5.64 0.69 -8.01
N MET A 458 6.13 0.92 -6.80
CA MET A 458 6.94 2.12 -6.53
C MET A 458 8.24 2.06 -7.31
N ILE A 459 8.83 0.87 -7.39
CA ILE A 459 10.07 0.66 -8.12
C ILE A 459 9.82 0.87 -9.62
N LEU A 460 8.75 0.28 -10.13
CA LEU A 460 8.36 0.37 -11.54
C LEU A 460 8.00 1.79 -11.97
N GLN A 461 7.27 2.52 -11.12
CA GLN A 461 6.90 3.88 -11.43
C GLN A 461 8.09 4.81 -11.37
N VAL A 462 9.01 4.58 -10.43
CA VAL A 462 10.17 5.44 -10.35
C VAL A 462 11.09 5.12 -11.52
N ALA A 463 11.18 3.85 -11.88
CA ALA A 463 12.03 3.47 -13.01
C ALA A 463 11.45 4.13 -14.30
N ASN A 464 10.14 4.16 -14.42
CA ASN A 464 9.48 4.76 -15.56
C ASN A 464 9.70 6.27 -15.64
N LYS A 465 9.87 6.91 -14.48
CA LYS A 465 10.14 8.34 -14.44
C LYS A 465 11.56 8.63 -14.90
N ILE A 466 12.47 7.72 -14.61
CA ILE A 466 13.87 7.91 -14.97
C ILE A 466 14.15 7.47 -16.40
N SER A 467 13.44 6.45 -16.88
CA SER A 467 13.65 5.91 -18.20
C SER A 467 12.34 5.32 -18.67
N PRO A 468 11.46 6.16 -19.24
CA PRO A 468 10.13 5.76 -19.72
C PRO A 468 10.19 4.46 -20.49
N ASN A 469 9.30 3.55 -20.12
CA ASN A 469 9.25 2.24 -20.74
C ASN A 469 7.90 1.72 -20.35
N ASN A 470 7.07 1.41 -21.35
CA ASN A 470 5.74 0.92 -21.06
C ASN A 470 5.70 -0.45 -20.41
N ASP A 471 6.83 -1.15 -20.45
CA ASP A 471 6.92 -2.45 -19.79
C ASP A 471 6.83 -2.24 -18.28
N TYR A 472 7.35 -1.12 -17.81
CA TYR A 472 7.31 -0.77 -16.40
C TYR A 472 5.89 -0.49 -15.98
N VAL A 473 5.15 0.28 -16.78
CA VAL A 473 3.77 0.60 -16.45
C VAL A 473 2.87 -0.63 -16.57
N ASN A 474 3.12 -1.48 -17.54
CA ASN A 474 2.32 -2.67 -17.68
C ASN A 474 2.58 -3.67 -16.55
N ALA A 475 3.82 -3.75 -16.10
CA ALA A 475 4.15 -4.66 -15.00
C ALA A 475 3.45 -4.15 -13.75
N ALA A 476 3.33 -2.83 -13.59
CA ALA A 476 2.65 -2.27 -12.43
C ALA A 476 1.18 -2.65 -12.50
N LEU A 477 0.62 -2.72 -13.70
CA LEU A 477 -0.79 -3.09 -13.84
C LEU A 477 -0.97 -4.60 -13.59
N ASP A 478 0.10 -5.37 -13.79
CA ASP A 478 0.08 -6.82 -13.54
C ASP A 478 -0.04 -7.04 -12.02
N ALA A 479 0.73 -6.27 -11.24
CA ALA A 479 0.71 -6.36 -9.78
C ALA A 479 -0.70 -6.03 -9.30
N ILE A 480 -1.26 -4.94 -9.83
CA ILE A 480 -2.62 -4.57 -9.47
C ILE A 480 -3.63 -5.63 -9.93
N SER A 481 -3.46 -6.18 -11.14
CA SER A 481 -4.40 -7.20 -11.62
C SER A 481 -4.32 -8.46 -10.78
N HIS A 482 -3.13 -8.78 -10.28
CA HIS A 482 -2.94 -9.98 -9.47
C HIS A 482 -3.79 -10.01 -8.20
N VAL A 483 -3.88 -8.85 -7.60
CA VAL A 483 -4.58 -8.60 -6.37
C VAL A 483 -6.08 -8.45 -6.55
N PHE A 484 -6.51 -8.19 -7.79
CA PHE A 484 -7.95 -8.01 -8.05
C PHE A 484 -8.63 -9.16 -8.76
N GLY A 485 -7.92 -10.26 -8.96
CA GLY A 485 -8.55 -11.41 -9.60
C GLY A 485 -7.68 -12.34 -10.42
N ARG A 486 -6.64 -11.83 -11.06
CA ARG A 486 -5.79 -12.69 -11.84
C ARG A 486 -4.84 -13.40 -10.89
N ASN A 487 -5.38 -14.38 -10.17
CA ASN A 487 -4.62 -15.17 -9.22
C ASN A 487 -5.25 -16.55 -9.11
N TYR A 488 -4.52 -17.47 -8.49
CA TYR A 488 -5.00 -18.83 -8.36
C TYR A 488 -6.38 -18.97 -7.76
N TYR A 489 -6.76 -18.09 -6.86
CA TYR A 489 -8.05 -18.23 -6.20
C TYR A 489 -9.20 -17.65 -6.98
N ASN A 490 -8.89 -16.84 -7.99
CA ASN A 490 -9.90 -16.10 -8.75
C ASN A 490 -10.70 -15.28 -7.74
N ARG A 491 -9.97 -14.59 -6.87
CA ARG A 491 -10.58 -13.74 -5.85
C ARG A 491 -9.80 -12.45 -5.67
N SER A 492 -10.54 -11.39 -5.37
CA SER A 492 -9.99 -10.10 -5.08
C SER A 492 -9.49 -10.25 -3.64
N TYR A 493 -8.34 -9.65 -3.36
CA TYR A 493 -7.76 -9.71 -2.03
C TYR A 493 -8.08 -8.46 -1.23
N VAL A 494 -9.03 -7.67 -1.71
CA VAL A 494 -9.39 -6.42 -1.05
C VAL A 494 -10.85 -6.46 -0.67
N THR A 495 -11.15 -6.31 0.61
CA THR A 495 -12.53 -6.35 1.11
C THR A 495 -13.42 -5.31 0.43
N GLY A 496 -14.62 -5.72 0.05
CA GLY A 496 -15.58 -4.82 -0.57
C GLY A 496 -15.35 -4.48 -2.04
N LEU A 497 -14.39 -5.15 -2.67
CA LEU A 497 -14.09 -4.85 -4.07
C LEU A 497 -13.81 -6.06 -4.90
N GLY A 498 -14.26 -6.01 -6.15
CA GLY A 498 -13.99 -7.08 -7.09
C GLY A 498 -14.71 -8.37 -6.82
N ILE A 499 -14.21 -9.41 -7.43
CA ILE A 499 -14.82 -10.71 -7.33
C ILE A 499 -14.52 -11.48 -6.05
N ASN A 500 -15.61 -11.92 -5.41
CA ASN A 500 -15.54 -12.76 -4.22
C ASN A 500 -14.40 -12.31 -3.27
N PRO A 501 -14.50 -11.09 -2.73
CA PRO A 501 -13.48 -10.55 -1.84
C PRO A 501 -13.47 -11.21 -0.47
N PRO A 502 -12.41 -10.96 0.32
CA PRO A 502 -12.31 -11.55 1.67
C PRO A 502 -13.56 -11.23 2.48
N MET A 503 -14.12 -12.24 3.14
CA MET A 503 -15.31 -12.04 3.95
C MET A 503 -15.00 -12.13 5.43
N ASN A 504 -13.90 -12.78 5.76
CA ASN A 504 -13.59 -13.00 7.18
C ASN A 504 -12.19 -12.58 7.58
N PRO A 505 -11.84 -11.30 7.40
CA PRO A 505 -10.48 -10.93 7.78
C PRO A 505 -10.24 -10.93 9.29
N HIS A 506 -8.99 -11.11 9.67
CA HIS A 506 -8.64 -11.04 11.08
C HIS A 506 -8.66 -9.54 11.40
N ASP A 507 -9.85 -9.04 11.72
CA ASP A 507 -10.04 -7.63 11.97
C ASP A 507 -11.06 -7.53 13.08
N ARG A 508 -10.72 -6.83 14.15
CA ARG A 508 -11.63 -6.70 15.28
C ARG A 508 -12.91 -5.94 15.02
N ARG A 509 -12.89 -4.86 14.25
CA ARG A 509 -14.13 -4.11 13.99
C ARG A 509 -15.11 -5.02 13.22
N SER A 510 -14.57 -5.79 12.28
CA SER A 510 -15.35 -6.70 11.45
C SER A 510 -15.91 -7.86 12.24
N GLY A 511 -15.08 -8.46 13.10
CA GLY A 511 -15.53 -9.56 13.91
C GLY A 511 -16.44 -9.19 15.06
N ALA A 512 -16.46 -7.92 15.44
CA ALA A 512 -17.29 -7.52 16.56
C ALA A 512 -18.50 -6.65 16.31
N ASP A 513 -18.72 -6.20 15.08
CA ASP A 513 -19.90 -5.36 14.85
C ASP A 513 -21.07 -6.30 14.54
N GLY A 514 -22.23 -5.78 14.18
CA GLY A 514 -23.28 -6.75 13.87
C GLY A 514 -23.56 -6.85 12.39
N ILE A 515 -22.58 -6.49 11.57
CA ILE A 515 -22.72 -6.46 10.11
C ILE A 515 -22.09 -7.67 9.48
N TRP A 516 -22.77 -8.25 8.48
CA TRP A 516 -22.28 -9.44 7.81
C TRP A 516 -20.99 -9.26 7.03
N GLU A 517 -20.95 -8.24 6.17
CA GLU A 517 -19.80 -7.93 5.33
C GLU A 517 -18.75 -7.23 6.18
N PRO A 518 -17.46 -7.55 5.99
CA PRO A 518 -16.40 -6.90 6.79
C PRO A 518 -16.23 -5.44 6.41
N TRP A 519 -15.43 -4.72 7.18
CA TRP A 519 -15.19 -3.31 6.86
C TRP A 519 -14.49 -3.27 5.49
N PRO A 520 -14.86 -2.31 4.62
CA PRO A 520 -14.31 -2.16 3.28
C PRO A 520 -13.00 -1.46 3.00
N GLY A 521 -12.34 -1.87 1.91
CA GLY A 521 -11.12 -1.24 1.45
C GLY A 521 -9.79 -1.74 1.90
N TYR A 522 -9.76 -2.98 2.40
CA TYR A 522 -8.51 -3.51 2.91
C TYR A 522 -7.89 -4.65 2.17
N LEU A 523 -6.61 -4.52 1.88
CA LEU A 523 -5.86 -5.59 1.23
C LEU A 523 -5.40 -6.55 2.35
N VAL A 524 -5.78 -7.82 2.25
CA VAL A 524 -5.36 -8.80 3.24
C VAL A 524 -3.92 -9.20 3.00
N GLY A 525 -3.25 -9.62 4.05
CA GLY A 525 -1.85 -9.95 3.94
C GLY A 525 -1.44 -10.97 2.94
N GLY A 526 -2.23 -12.04 2.81
CA GLY A 526 -1.89 -13.06 1.84
C GLY A 526 -1.32 -14.34 2.39
N GLY A 527 -1.49 -15.41 1.63
CA GLY A 527 -1.01 -16.71 2.04
C GLY A 527 0.48 -16.99 1.87
N TRP A 528 0.93 -17.98 2.60
CA TRP A 528 2.32 -18.41 2.58
C TRP A 528 2.35 -19.68 3.44
N PRO A 529 3.43 -20.45 3.30
CA PRO A 529 4.56 -20.16 2.42
C PRO A 529 4.35 -20.53 0.94
N GLY A 530 3.14 -20.94 0.59
CA GLY A 530 2.88 -21.33 -0.78
C GLY A 530 1.77 -20.57 -1.47
N PRO A 531 1.66 -20.72 -2.81
CA PRO A 531 0.66 -20.04 -3.63
C PRO A 531 -0.79 -20.34 -3.35
N LYS A 532 -1.07 -21.44 -2.66
CA LYS A 532 -2.45 -21.79 -2.37
C LYS A 532 -2.75 -21.75 -0.88
N ASP A 533 -1.87 -21.10 -0.11
CA ASP A 533 -2.03 -21.07 1.34
C ASP A 533 -2.88 -20.01 1.99
N TRP A 534 -3.53 -19.16 1.20
CA TRP A 534 -4.38 -18.13 1.80
C TRP A 534 -5.70 -18.73 2.28
N VAL A 535 -6.13 -18.40 3.49
CA VAL A 535 -7.40 -18.92 3.98
C VAL A 535 -8.20 -17.77 4.49
N ASP A 536 -9.41 -17.64 3.97
CA ASP A 536 -10.28 -16.56 4.39
C ASP A 536 -11.09 -16.89 5.64
N ILE A 537 -10.39 -16.98 6.77
CA ILE A 537 -11.06 -17.24 8.05
C ILE A 537 -10.55 -16.21 9.04
N GLN A 538 -11.42 -15.83 9.96
CA GLN A 538 -11.08 -14.84 10.95
C GLN A 538 -9.88 -15.15 11.86
N ASP A 539 -9.64 -16.43 12.12
CA ASP A 539 -8.53 -16.86 12.97
C ASP A 539 -7.17 -16.75 12.33
N SER A 540 -7.14 -16.66 11.01
CA SER A 540 -5.87 -16.59 10.30
C SER A 540 -5.23 -15.21 10.26
N TYR A 541 -4.56 -14.78 11.32
CA TYR A 541 -3.89 -13.49 11.30
C TYR A 541 -2.62 -13.65 10.48
N GLN A 542 -2.24 -14.89 10.21
CA GLN A 542 -1.05 -15.13 9.42
C GLN A 542 -1.24 -14.88 7.93
N THR A 543 -2.47 -15.05 7.43
CA THR A 543 -2.73 -14.86 6.00
C THR A 543 -3.92 -13.95 5.71
N ASN A 544 -4.72 -13.64 6.70
CA ASN A 544 -5.92 -12.88 6.45
C ASN A 544 -6.15 -11.66 7.31
N GLU A 545 -5.07 -11.02 7.74
CA GLU A 545 -5.21 -9.80 8.55
C GLU A 545 -5.14 -8.63 7.57
N ILE A 546 -5.46 -7.43 8.06
CA ILE A 546 -5.39 -6.18 7.29
C ILE A 546 -4.29 -5.36 7.98
N ALA A 547 -3.73 -4.36 7.31
CA ALA A 547 -2.67 -3.57 7.91
C ALA A 547 -2.43 -2.30 7.12
N ILE A 548 -2.06 -1.23 7.82
CA ILE A 548 -1.81 0.04 7.18
C ILE A 548 -0.68 -0.01 6.17
N ASN A 549 0.35 -0.82 6.37
CA ASN A 549 1.43 -0.86 5.39
C ASN A 549 1.04 -1.56 4.10
N TRP A 550 0.03 -2.43 4.17
CA TRP A 550 -0.46 -3.16 3.00
C TRP A 550 -1.40 -2.25 2.24
N ASN A 551 -2.25 -1.52 2.96
CA ASN A 551 -3.14 -0.60 2.29
C ASN A 551 -2.37 0.55 1.68
N ALA A 552 -1.27 0.98 2.29
CA ALA A 552 -0.47 2.09 1.76
C ALA A 552 0.15 1.69 0.44
N ALA A 553 0.60 0.43 0.33
CA ALA A 553 1.19 -0.07 -0.89
C ALA A 553 0.12 -0.13 -1.97
N LEU A 554 -1.11 -0.49 -1.60
CA LEU A 554 -2.19 -0.56 -2.59
C LEU A 554 -2.55 0.85 -3.07
N ILE A 555 -2.57 1.80 -2.15
CA ILE A 555 -2.90 3.19 -2.44
C ILE A 555 -1.86 3.80 -3.36
N TYR A 556 -0.59 3.48 -3.18
CA TYR A 556 0.42 4.01 -4.05
C TYR A 556 0.23 3.41 -5.44
N ALA A 557 0.00 2.09 -5.50
CA ALA A 557 -0.18 1.41 -6.79
C ALA A 557 -1.34 2.02 -7.59
N LEU A 558 -2.48 2.22 -6.96
CA LEU A 558 -3.64 2.79 -7.61
C LEU A 558 -3.54 4.29 -7.88
N ALA A 559 -2.79 5.03 -7.07
CA ALA A 559 -2.65 6.47 -7.24
C ALA A 559 -2.13 6.91 -8.59
N GLY A 560 -1.17 6.17 -9.12
CA GLY A 560 -0.62 6.52 -10.41
C GLY A 560 -1.62 6.39 -11.56
N PHE A 561 -2.76 5.76 -11.30
CA PHE A 561 -3.76 5.57 -12.32
C PHE A 561 -5.07 6.30 -12.09
N VAL A 562 -5.01 7.30 -11.21
CA VAL A 562 -6.16 8.15 -10.86
C VAL A 562 -5.95 9.40 -11.71
N ASN A 563 -7.01 9.87 -12.37
CA ASN A 563 -6.91 11.04 -13.26
C ASN A 563 -5.76 10.78 -14.21
N TYR A 564 -5.75 9.57 -14.76
CA TYR A 564 -4.71 9.13 -15.65
C TYR A 564 -5.08 9.32 -17.11
N ASN A 565 -4.07 9.55 -17.94
CA ASN A 565 -4.30 9.70 -19.37
C ASN A 565 -3.22 8.96 -20.15
#